data_7F3G
#
_entry.id   7F3G
#
_cell.length_a   57.248
_cell.length_b   80.118
_cell.length_c   59.338
_cell.angle_alpha   90.000
_cell.angle_beta   90.662
_cell.angle_gamma   90.000
#
_symmetry.space_group_name_H-M   'P 1 21 1'
#
loop_
_entity.id
_entity.type
_entity.pdbx_description
1 polymer 'Isoform 4 of Serine/threonine-protein kinase DCLK1'
2 non-polymer (3R)-3-cyclopentyl-3-[4-(7H-pyrrolo[2,3-d]pyrimidin-4-yl)-1H-pyrazol-1-yl]propanenitrile
3 water water
#
_entity_poly.entity_id   1
_entity_poly.type   'polypeptide(L)'
_entity_poly.pdbx_seq_one_letter_code
;GAMGGEEVSEEGFQIPATITERYKVGRTIGDGNFAVVKECVERSTAREYALKIIKKSKCRGKEHMIQNEVSILRRVKHPN
IVLLIEEMDVPTELYLVMELVKGGDLFDAITSTNKYTERDASGMLYNLASAIKYLHSLNIVHRDIKPENLLVYEHQDGSK
SLKLGDFGLATIVDGPLYTVCGTPTYVAPEIIAETGYGLKVDIWAAGVITYILLCGFPPFRGSGDDQEVLFDQILMGQVD
FPSPYWDNVSDSAKELITMMLLVDVDQRFSAVQVLEHPWVND
;
_entity_poly.pdbx_strand_id   A,B
#
loop_
_chem_comp.id
_chem_comp.type
_chem_comp.name
_chem_comp.formula
RXT non-polymer (3R)-3-cyclopentyl-3-[4-(7H-pyrrolo[2,3-d]pyrimidin-4-yl)-1H-pyrazol-1-yl]propanenitrile 'C17 H18 N6'
#
# COMPACT_ATOMS: atom_id res chain seq x y z
N SER A 9 19.23 18.71 -4.66
CA SER A 9 18.71 18.90 -3.27
C SER A 9 19.55 18.08 -2.28
N GLU A 10 19.42 18.37 -0.98
CA GLU A 10 20.16 17.71 0.12
C GLU A 10 20.13 16.17 -0.06
N GLU A 11 18.96 15.61 -0.34
CA GLU A 11 18.74 14.13 -0.45
C GLU A 11 19.37 13.61 -1.75
N GLY A 12 19.35 14.43 -2.82
CA GLY A 12 20.02 14.15 -4.09
C GLY A 12 19.05 13.86 -5.23
N PHE A 13 17.80 14.35 -5.13
CA PHE A 13 16.85 14.43 -6.27
C PHE A 13 17.41 15.42 -7.30
N GLN A 14 17.47 15.01 -8.57
CA GLN A 14 17.83 15.91 -9.69
C GLN A 14 16.59 16.74 -10.05
N ILE A 15 16.50 17.97 -9.51
CA ILE A 15 15.32 18.86 -9.62
C ILE A 15 15.18 19.32 -11.07
N PRO A 16 14.03 19.01 -11.73
CA PRO A 16 13.81 19.43 -13.12
C PRO A 16 13.92 20.96 -13.27
N ALA A 17 14.57 21.41 -14.35
CA ALA A 17 14.77 22.83 -14.69
C ALA A 17 13.42 23.55 -14.76
N THR A 18 12.38 22.85 -15.24
CA THR A 18 10.96 23.32 -15.30
C THR A 18 10.53 23.81 -13.90
N ILE A 19 10.83 23.02 -12.86
CA ILE A 19 10.50 23.33 -11.44
C ILE A 19 11.38 24.50 -10.97
N THR A 20 12.70 24.38 -11.11
CA THR A 20 13.72 25.38 -10.66
C THR A 20 13.46 26.73 -11.33
N GLU A 21 13.01 26.72 -12.59
CA GLU A 21 12.65 27.94 -13.37
C GLU A 21 11.58 28.73 -12.62
N ARG A 22 10.46 28.07 -12.27
CA ARG A 22 9.25 28.69 -11.69
C ARG A 22 9.43 28.92 -10.18
N TYR A 23 10.03 27.95 -9.48
CA TYR A 23 10.05 27.88 -7.99
C TYR A 23 11.48 27.91 -7.47
N LYS A 24 11.70 28.63 -6.38
CA LYS A 24 12.88 28.54 -5.49
C LYS A 24 12.57 27.53 -4.38
N VAL A 25 13.26 26.39 -4.35
CA VAL A 25 13.00 25.27 -3.41
C VAL A 25 13.78 25.53 -2.11
N GLY A 26 13.09 25.45 -0.96
CA GLY A 26 13.61 25.81 0.37
C GLY A 26 13.86 24.59 1.23
N ARG A 27 13.84 24.77 2.55
CA ARG A 27 14.17 23.70 3.54
C ARG A 27 13.08 22.62 3.52
N THR A 28 13.45 21.39 3.93
CA THR A 28 12.53 20.24 4.14
C THR A 28 11.67 20.49 5.39
N ILE A 29 10.37 20.24 5.31
CA ILE A 29 9.38 20.46 6.41
C ILE A 29 8.59 19.18 6.69
N GLY A 30 8.83 18.13 5.92
CA GLY A 30 8.12 16.84 6.06
C GLY A 30 8.91 15.73 5.42
N ASP A 31 9.12 14.64 6.15
CA ASP A 31 9.95 13.50 5.70
C ASP A 31 9.13 12.21 5.83
N GLY A 32 9.12 11.41 4.77
CA GLY A 32 8.51 10.07 4.75
C GLY A 32 9.38 9.07 4.02
N ASN A 33 8.79 7.93 3.64
CA ASN A 33 9.42 6.91 2.76
C ASN A 33 8.98 7.19 1.32
N PHE A 34 9.94 7.42 0.43
CA PHE A 34 9.73 7.68 -1.02
C PHE A 34 9.02 9.03 -1.23
N ALA A 35 9.01 9.90 -0.22
CA ALA A 35 8.39 11.24 -0.29
C ALA A 35 9.09 12.20 0.68
N VAL A 36 9.36 13.44 0.22
CA VAL A 36 9.79 14.59 1.05
C VAL A 36 8.89 15.79 0.71
N VAL A 37 8.62 16.65 1.70
CA VAL A 37 7.91 17.95 1.52
C VAL A 37 8.88 19.08 1.85
N LYS A 38 8.95 20.08 0.97
CA LYS A 38 9.82 21.27 1.13
C LYS A 38 8.98 22.54 1.05
N GLU A 39 9.38 23.58 1.78
CA GLU A 39 8.99 24.98 1.52
C GLU A 39 9.53 25.35 0.14
N CYS A 40 8.82 26.20 -0.59
CA CYS A 40 9.28 26.77 -1.87
C CYS A 40 8.53 28.07 -2.16
N VAL A 41 9.22 29.04 -2.74
CA VAL A 41 8.66 30.35 -3.15
C VAL A 41 8.54 30.35 -4.67
N GLU A 42 7.34 30.64 -5.19
CA GLU A 42 7.13 30.92 -6.63
C GLU A 42 7.81 32.25 -6.96
N ARG A 43 8.70 32.24 -7.96
CA ARG A 43 9.62 33.37 -8.29
C ARG A 43 8.81 34.60 -8.75
N SER A 44 7.79 34.38 -9.59
CA SER A 44 6.95 35.44 -10.20
C SER A 44 6.23 36.23 -9.08
N THR A 45 5.50 35.53 -8.20
CA THR A 45 4.53 36.13 -7.24
C THR A 45 5.18 36.37 -5.86
N ALA A 46 6.24 35.62 -5.54
CA ALA A 46 6.92 35.60 -4.21
C ALA A 46 6.02 34.89 -3.19
N ARG A 47 5.06 34.10 -3.65
CA ARG A 47 4.10 33.37 -2.80
C ARG A 47 4.70 32.04 -2.36
N GLU A 48 4.52 31.66 -1.10
CA GLU A 48 5.09 30.44 -0.48
C GLU A 48 4.15 29.26 -0.72
N TYR A 49 4.72 28.11 -1.12
CA TYR A 49 4.00 26.84 -1.42
C TYR A 49 4.73 25.66 -0.78
N ALA A 50 4.04 24.54 -0.66
CA ALA A 50 4.62 23.22 -0.31
C ALA A 50 4.96 22.46 -1.61
N LEU A 51 6.21 22.00 -1.75
CA LEU A 51 6.63 21.09 -2.84
C LEU A 51 6.81 19.68 -2.27
N LYS A 52 5.91 18.77 -2.61
CA LYS A 52 6.02 17.33 -2.24
C LYS A 52 6.66 16.57 -3.40
N ILE A 53 7.80 15.94 -3.13
CA ILE A 53 8.59 15.13 -4.11
C ILE A 53 8.38 13.66 -3.75
N ILE A 54 7.75 12.89 -4.65
CA ILE A 54 7.47 11.44 -4.47
C ILE A 54 8.32 10.63 -5.46
N LYS A 55 9.16 9.73 -4.94
CA LYS A 55 10.03 8.83 -5.75
C LYS A 55 9.16 7.67 -6.25
N LYS A 56 9.04 7.53 -7.57
CA LYS A 56 8.25 6.45 -8.22
C LYS A 56 9.09 5.16 -8.18
N SER A 57 10.34 5.24 -8.64
CA SER A 57 11.37 4.18 -8.52
C SER A 57 11.70 3.98 -7.03
N LYS A 58 11.86 2.73 -6.61
CA LYS A 58 12.16 2.38 -5.19
C LYS A 58 13.59 2.78 -4.84
N CYS A 59 14.42 3.07 -5.86
CA CYS A 59 15.87 3.34 -5.72
C CYS A 59 16.56 2.06 -5.20
N ARG A 60 15.85 0.93 -5.30
CA ARG A 60 16.35 -0.44 -4.98
C ARG A 60 16.43 -1.23 -6.27
N GLY A 61 17.43 -0.93 -7.11
CA GLY A 61 17.41 -1.28 -8.54
C GLY A 61 16.49 -0.35 -9.28
N LYS A 62 16.08 -0.71 -10.49
CA LYS A 62 15.08 0.05 -11.28
C LYS A 62 13.68 -0.47 -10.95
N GLU A 63 13.35 -0.65 -9.67
CA GLU A 63 12.03 -1.17 -9.24
C GLU A 63 11.02 -0.03 -9.28
N HIS A 64 10.70 0.44 -10.50
CA HIS A 64 9.68 1.47 -10.78
C HIS A 64 8.32 0.98 -10.27
N MET A 65 7.64 1.80 -9.45
CA MET A 65 6.28 1.52 -8.91
C MET A 65 5.37 2.70 -9.23
N ILE A 66 4.06 2.54 -9.03
CA ILE A 66 3.02 3.55 -9.40
C ILE A 66 2.40 4.13 -8.12
N GLN A 67 1.97 5.40 -8.16
CA GLN A 67 1.41 6.17 -7.01
C GLN A 67 -0.10 6.42 -7.21
N ASN A 68 -0.85 6.45 -6.11
CA ASN A 68 -2.34 6.49 -6.05
C ASN A 68 -2.81 7.83 -5.46
N GLU A 69 -1.98 8.46 -4.63
CA GLU A 69 -2.27 9.72 -3.88
C GLU A 69 -2.86 10.79 -4.81
N VAL A 70 -2.29 10.97 -5.99
CA VAL A 70 -2.59 12.12 -6.89
C VAL A 70 -3.94 11.90 -7.58
N SER A 71 -4.31 10.66 -7.86
CA SER A 71 -5.65 10.30 -8.40
C SER A 71 -6.71 10.92 -7.50
N ILE A 72 -6.54 10.80 -6.17
CA ILE A 72 -7.48 11.29 -5.13
C ILE A 72 -7.38 12.82 -5.03
N LEU A 73 -6.16 13.36 -4.83
CA LEU A 73 -5.92 14.81 -4.55
C LEU A 73 -6.52 15.68 -5.66
N ARG A 74 -6.57 15.18 -6.89
CA ARG A 74 -7.09 15.92 -8.07
C ARG A 74 -8.59 16.15 -7.93
N ARG A 75 -9.32 15.18 -7.37
CA ARG A 75 -10.81 15.16 -7.40
C ARG A 75 -11.39 15.68 -6.07
N VAL A 76 -10.57 16.33 -5.23
CA VAL A 76 -11.01 16.85 -3.88
C VAL A 76 -10.56 18.31 -3.68
N LYS A 77 -11.48 19.15 -3.21
CA LYS A 77 -11.20 20.49 -2.64
C LYS A 77 -12.06 20.72 -1.40
N HIS A 78 -11.44 21.14 -0.30
CA HIS A 78 -12.10 21.40 1.01
C HIS A 78 -11.18 22.25 1.87
N PRO A 79 -11.72 23.21 2.66
CA PRO A 79 -10.89 24.05 3.53
C PRO A 79 -10.05 23.23 4.53
N ASN A 80 -10.54 22.05 4.94
CA ASN A 80 -9.90 21.20 5.99
C ASN A 80 -9.16 20.02 5.33
N ILE A 81 -8.91 20.11 4.02
CA ILE A 81 -8.05 19.13 3.28
C ILE A 81 -6.94 19.90 2.56
N VAL A 82 -5.73 19.35 2.57
CA VAL A 82 -4.54 19.88 1.81
C VAL A 82 -4.94 20.03 0.34
N LEU A 83 -4.54 21.13 -0.30
CA LEU A 83 -4.94 21.51 -1.69
C LEU A 83 -3.77 21.31 -2.66
N LEU A 84 -3.98 20.48 -3.69
CA LEU A 84 -3.04 20.30 -4.82
C LEU A 84 -3.20 21.48 -5.78
N ILE A 85 -2.12 22.26 -5.99
CA ILE A 85 -2.08 23.45 -6.89
C ILE A 85 -1.77 22.99 -8.32
N GLU A 86 -0.73 22.17 -8.48
CA GLU A 86 -0.38 21.50 -9.77
C GLU A 86 0.66 20.41 -9.53
N GLU A 87 0.96 19.63 -10.56
CA GLU A 87 1.80 18.40 -10.49
C GLU A 87 2.77 18.38 -11.68
N MET A 88 3.97 17.81 -11.48
CA MET A 88 5.00 17.62 -12.52
C MET A 88 5.51 16.18 -12.46
N ASP A 89 5.12 15.36 -13.43
CA ASP A 89 5.58 13.94 -13.55
C ASP A 89 6.88 13.91 -14.36
N VAL A 90 7.96 13.44 -13.73
CA VAL A 90 9.32 13.26 -14.33
C VAL A 90 9.61 11.76 -14.29
N PRO A 91 10.41 11.20 -15.24
CA PRO A 91 10.67 9.76 -15.24
C PRO A 91 11.00 9.23 -13.84
N THR A 92 11.85 9.97 -13.10
CA THR A 92 12.37 9.58 -11.76
C THR A 92 11.29 9.80 -10.69
N GLU A 93 10.74 11.03 -10.58
CA GLU A 93 9.92 11.49 -9.42
C GLU A 93 8.62 12.14 -9.89
N LEU A 94 7.60 12.10 -9.03
CA LEU A 94 6.35 12.90 -9.14
C LEU A 94 6.47 14.11 -8.19
N TYR A 95 6.39 15.33 -8.72
CA TYR A 95 6.45 16.60 -7.97
C TYR A 95 5.04 17.19 -7.84
N LEU A 96 4.56 17.37 -6.60
CA LEU A 96 3.26 18.02 -6.29
C LEU A 96 3.52 19.38 -5.63
N VAL A 97 3.03 20.45 -6.27
CA VAL A 97 2.93 21.80 -5.67
C VAL A 97 1.59 21.89 -4.93
N MET A 98 1.64 22.16 -3.63
CA MET A 98 0.43 22.20 -2.75
C MET A 98 0.46 23.48 -1.91
N GLU A 99 -0.71 23.92 -1.43
CA GLU A 99 -0.85 25.05 -0.48
C GLU A 99 0.04 24.75 0.74
N LEU A 100 0.78 25.74 1.22
CA LEU A 100 1.69 25.59 2.39
C LEU A 100 0.89 25.77 3.67
N VAL A 101 1.12 24.89 4.66
CA VAL A 101 0.54 24.96 6.02
C VAL A 101 1.71 25.05 7.01
N LYS A 102 1.77 26.10 7.82
CA LYS A 102 3.01 26.56 8.51
C LYS A 102 2.96 26.20 10.01
N GLY A 103 1.84 25.66 10.50
CA GLY A 103 1.62 25.42 11.93
C GLY A 103 2.09 24.04 12.38
N GLY A 104 2.80 23.29 11.53
CA GLY A 104 3.25 21.92 11.81
C GLY A 104 2.07 20.93 11.88
N ASP A 105 2.34 19.69 12.28
CA ASP A 105 1.32 18.60 12.34
C ASP A 105 0.74 18.52 13.75
N LEU A 106 -0.39 17.83 13.90
CA LEU A 106 -1.14 17.70 15.17
C LEU A 106 -0.31 16.90 16.19
N PHE A 107 0.47 15.92 15.74
CA PHE A 107 1.34 15.08 16.61
C PHE A 107 2.27 16.00 17.42
N ASP A 108 2.97 16.91 16.73
CA ASP A 108 3.91 17.89 17.33
C ASP A 108 3.16 18.71 18.39
N ALA A 109 1.95 19.20 18.05
CA ALA A 109 1.14 20.08 18.91
C ALA A 109 0.73 19.35 20.19
N ILE A 110 0.38 18.06 20.09
CA ILE A 110 -0.07 17.21 21.23
C ILE A 110 1.11 16.98 22.18
N THR A 111 2.31 16.74 21.64
CA THR A 111 3.56 16.50 22.43
C THR A 111 3.98 17.80 23.13
N SER A 112 3.60 18.96 22.59
CA SER A 112 3.93 20.31 23.13
C SER A 112 2.97 20.67 24.28
N THR A 113 1.66 20.64 24.02
CA THR A 113 0.58 20.79 25.02
C THR A 113 -0.07 19.43 25.25
N ASN A 114 0.16 18.80 26.40
CA ASN A 114 -0.32 17.44 26.76
C ASN A 114 -1.79 17.30 26.34
N LYS A 115 -2.65 18.18 26.83
CA LYS A 115 -4.12 18.13 26.66
C LYS A 115 -4.63 19.41 26.01
N TYR A 116 -5.91 19.41 25.64
CA TYR A 116 -6.65 20.57 25.09
C TYR A 116 -7.97 20.72 25.84
N THR A 117 -8.47 21.95 25.92
CA THR A 117 -9.82 22.28 26.42
C THR A 117 -10.84 21.61 25.49
N GLU A 118 -12.06 21.36 25.99
CA GLU A 118 -13.18 20.80 25.20
C GLU A 118 -13.49 21.72 24.02
N ARG A 119 -13.40 23.04 24.22
CA ARG A 119 -13.66 24.06 23.18
C ARG A 119 -12.69 23.85 22.01
N ASP A 120 -11.39 23.74 22.30
CA ASP A 120 -10.30 23.54 21.30
C ASP A 120 -10.43 22.17 20.64
N ALA A 121 -10.74 21.14 21.44
CA ALA A 121 -10.88 19.73 21.01
C ALA A 121 -12.07 19.62 20.03
N SER A 122 -13.23 20.17 20.37
CA SER A 122 -14.46 20.12 19.55
C SER A 122 -14.23 20.84 18.21
N GLY A 123 -13.51 21.96 18.23
CA GLY A 123 -13.17 22.74 17.03
C GLY A 123 -12.34 21.91 16.06
N MET A 124 -11.34 21.21 16.57
CA MET A 124 -10.47 20.31 15.80
C MET A 124 -11.29 19.13 15.26
N LEU A 125 -12.17 18.56 16.08
CA LEU A 125 -13.02 17.43 15.62
C LEU A 125 -13.99 17.93 14.56
N TYR A 126 -14.50 19.16 14.72
CA TYR A 126 -15.43 19.79 13.75
C TYR A 126 -14.74 19.86 12.38
N ASN A 127 -13.48 20.30 12.36
CA ASN A 127 -12.63 20.39 11.14
C ASN A 127 -12.44 19.01 10.53
N LEU A 128 -12.03 18.04 11.35
CA LEU A 128 -11.68 16.68 10.89
C LEU A 128 -12.95 15.97 10.40
N ALA A 129 -14.05 16.09 11.13
CA ALA A 129 -15.34 15.45 10.80
C ALA A 129 -15.93 16.10 9.54
N SER A 130 -15.58 17.37 9.28
CA SER A 130 -15.99 18.12 8.06
C SER A 130 -15.26 17.54 6.86
N ALA A 131 -13.93 17.44 6.95
CA ALA A 131 -13.06 16.81 5.93
C ALA A 131 -13.61 15.41 5.61
N ILE A 132 -13.91 14.63 6.64
CA ILE A 132 -14.30 13.19 6.50
C ILE A 132 -15.67 13.08 5.82
N LYS A 133 -16.64 13.93 6.22
CA LYS A 133 -17.99 14.00 5.61
C LYS A 133 -17.87 14.26 4.11
N TYR A 134 -17.04 15.23 3.74
CA TYR A 134 -16.78 15.61 2.33
C TYR A 134 -16.24 14.39 1.57
N LEU A 135 -15.13 13.81 2.06
CA LEU A 135 -14.50 12.60 1.45
C LEU A 135 -15.55 11.49 1.31
N HIS A 136 -16.31 11.23 2.38
CA HIS A 136 -17.31 10.12 2.46
C HIS A 136 -18.44 10.37 1.44
N SER A 137 -18.81 11.63 1.18
CA SER A 137 -19.86 11.99 0.19
C SER A 137 -19.39 11.59 -1.22
N LEU A 138 -18.07 11.51 -1.43
CA LEU A 138 -17.44 11.07 -2.71
C LEU A 138 -17.02 9.60 -2.61
N ASN A 139 -17.43 8.89 -1.57
CA ASN A 139 -17.09 7.46 -1.35
C ASN A 139 -15.57 7.27 -1.26
N ILE A 140 -14.84 8.28 -0.79
CA ILE A 140 -13.38 8.18 -0.53
C ILE A 140 -13.19 7.86 0.96
N VAL A 141 -12.50 6.76 1.26
CA VAL A 141 -11.96 6.43 2.61
C VAL A 141 -10.48 6.82 2.65
N HIS A 142 -10.04 7.52 3.70
CA HIS A 142 -8.64 8.00 3.85
C HIS A 142 -7.72 6.84 4.27
N ARG A 143 -8.07 6.14 5.37
CA ARG A 143 -7.43 4.89 5.86
C ARG A 143 -6.12 5.17 6.62
N ASP A 144 -5.75 6.44 6.82
CA ASP A 144 -4.50 6.82 7.54
C ASP A 144 -4.71 8.11 8.32
N ILE A 145 -5.87 8.29 8.92
CA ILE A 145 -6.18 9.49 9.75
C ILE A 145 -5.47 9.33 11.10
N LYS A 146 -4.56 10.26 11.39
CA LYS A 146 -3.72 10.26 12.61
C LYS A 146 -3.10 11.65 12.77
N PRO A 147 -2.60 12.00 13.99
CA PRO A 147 -2.06 13.33 14.26
C PRO A 147 -0.93 13.76 13.32
N GLU A 148 -0.09 12.82 12.90
CA GLU A 148 1.08 13.09 12.00
C GLU A 148 0.58 13.57 10.63
N ASN A 149 -0.68 13.27 10.28
CA ASN A 149 -1.29 13.55 8.95
C ASN A 149 -2.33 14.67 9.07
N LEU A 150 -2.39 15.37 10.20
CA LEU A 150 -3.26 16.55 10.39
C LEU A 150 -2.38 17.78 10.59
N LEU A 151 -2.48 18.74 9.67
CA LEU A 151 -1.66 19.97 9.62
C LEU A 151 -2.44 21.13 10.26
N VAL A 152 -1.78 21.89 11.13
CA VAL A 152 -2.39 23.01 11.92
C VAL A 152 -2.27 24.32 11.12
N TYR A 153 -3.40 24.81 10.62
CA TYR A 153 -3.52 26.11 9.90
C TYR A 153 -3.85 27.21 10.90
N GLU A 154 -2.92 28.13 11.11
CA GLU A 154 -3.04 29.25 12.08
C GLU A 154 -3.67 30.45 11.38
N HIS A 155 -4.86 30.87 11.81
CA HIS A 155 -5.55 32.10 11.36
C HIS A 155 -4.89 33.32 12.00
N GLN A 156 -4.99 34.49 11.36
CA GLN A 156 -4.54 35.80 11.92
C GLN A 156 -5.37 36.10 13.18
N ASP A 157 -6.62 35.63 13.21
CA ASP A 157 -7.57 35.79 14.34
C ASP A 157 -6.97 35.22 15.63
N GLY A 158 -6.06 34.25 15.51
CA GLY A 158 -5.50 33.47 16.64
C GLY A 158 -6.05 32.05 16.66
N SER A 159 -7.21 31.84 16.03
CA SER A 159 -7.88 30.52 15.87
C SER A 159 -7.04 29.62 14.94
N LYS A 160 -7.18 28.30 15.11
CA LYS A 160 -6.41 27.26 14.37
C LYS A 160 -7.38 26.23 13.77
N SER A 161 -7.31 26.01 12.46
CA SER A 161 -8.02 24.93 11.73
C SER A 161 -7.06 23.76 11.47
N LEU A 162 -7.57 22.53 11.37
CA LEU A 162 -6.82 21.34 10.91
C LEU A 162 -7.04 21.15 9.42
N LYS A 163 -5.97 20.74 8.70
CA LYS A 163 -6.03 20.30 7.29
C LYS A 163 -5.47 18.89 7.21
N LEU A 164 -6.25 17.97 6.63
CA LEU A 164 -5.90 16.55 6.44
C LEU A 164 -5.01 16.39 5.20
N GLY A 165 -3.91 15.64 5.32
CA GLY A 165 -2.98 15.31 4.22
C GLY A 165 -2.67 13.83 4.16
N ASP A 166 -1.61 13.48 3.43
CA ASP A 166 -1.13 12.09 3.19
C ASP A 166 -2.31 11.21 2.73
N PHE A 167 -2.70 11.36 1.46
CA PHE A 167 -3.76 10.54 0.80
C PHE A 167 -3.12 9.31 0.14
N GLY A 168 -1.94 8.91 0.61
CA GLY A 168 -1.19 7.74 0.12
C GLY A 168 -2.00 6.46 0.15
N LEU A 169 -2.79 6.24 1.21
CA LEU A 169 -3.59 5.01 1.42
C LEU A 169 -5.06 5.23 1.04
N ALA A 170 -5.42 6.45 0.67
CA ALA A 170 -6.80 6.83 0.29
C ALA A 170 -7.26 6.00 -0.92
N THR A 171 -8.53 5.60 -0.96
CA THR A 171 -9.13 4.88 -2.13
C THR A 171 -10.64 5.10 -2.17
N ILE A 172 -11.26 4.60 -3.23
CA ILE A 172 -12.73 4.63 -3.44
C ILE A 172 -13.30 3.31 -2.91
N VAL A 173 -14.35 3.40 -2.10
CA VAL A 173 -15.06 2.22 -1.52
C VAL A 173 -16.27 1.94 -2.39
N ASP A 174 -16.29 0.79 -3.06
CA ASP A 174 -17.46 0.25 -3.79
C ASP A 174 -17.71 -1.18 -3.31
N GLY A 175 -18.03 -1.35 -2.04
CA GLY A 175 -18.13 -2.67 -1.40
C GLY A 175 -17.01 -2.90 -0.39
N PRO A 176 -17.07 -3.99 0.40
CA PRO A 176 -16.14 -4.21 1.51
C PRO A 176 -14.69 -4.30 1.07
N LEU A 177 -13.77 -3.69 1.84
CA LEU A 177 -12.29 -3.79 1.64
C LEU A 177 -11.72 -4.70 2.74
N TYR A 178 -10.53 -5.26 2.50
CA TYR A 178 -9.87 -6.25 3.38
C TYR A 178 -8.38 -5.91 3.62
N THR A 179 -7.78 -5.02 2.83
CA THR A 179 -6.34 -4.69 2.96
C THR A 179 -6.08 -4.24 4.40
N VAL A 180 -5.12 -4.88 5.07
CA VAL A 180 -4.75 -4.56 6.47
C VAL A 180 -3.67 -3.46 6.43
N CYS A 181 -4.03 -2.24 6.80
CA CYS A 181 -3.16 -1.02 6.73
C CYS A 181 -3.57 0.00 7.77
N GLY A 182 -2.67 0.94 8.06
CA GLY A 182 -2.84 2.03 9.04
C GLY A 182 -1.86 1.93 10.18
N THR A 183 -1.99 2.80 11.18
CA THR A 183 -1.20 2.81 12.43
C THR A 183 -2.01 2.11 13.52
N PRO A 184 -1.46 1.05 14.17
CA PRO A 184 -2.22 0.25 15.13
C PRO A 184 -3.07 1.05 16.12
N THR A 185 -2.51 2.12 16.70
CA THR A 185 -3.19 2.97 17.72
C THR A 185 -4.57 3.42 17.20
N TYR A 186 -4.69 3.68 15.89
CA TYR A 186 -5.84 4.38 15.27
C TYR A 186 -6.69 3.43 14.43
N VAL A 187 -6.29 2.17 14.29
CA VAL A 187 -6.89 1.20 13.33
C VAL A 187 -8.19 0.62 13.94
N ALA A 188 -9.27 0.58 13.16
CA ALA A 188 -10.62 0.09 13.55
C ALA A 188 -10.61 -1.44 13.72
N PRO A 189 -11.47 -1.99 14.59
CA PRO A 189 -11.48 -3.44 14.81
C PRO A 189 -11.75 -4.24 13.53
N GLU A 190 -12.64 -3.76 12.65
CA GLU A 190 -13.09 -4.53 11.45
C GLU A 190 -11.90 -4.73 10.49
N ILE A 191 -10.88 -3.85 10.54
CA ILE A 191 -9.61 -4.00 9.76
C ILE A 191 -8.80 -5.17 10.35
N ILE A 192 -8.63 -5.21 11.67
CA ILE A 192 -7.93 -6.31 12.40
C ILE A 192 -8.71 -7.62 12.20
N ALA A 193 -10.04 -7.57 12.38
CA ALA A 193 -10.95 -8.73 12.31
C ALA A 193 -10.93 -9.36 10.91
N GLU A 194 -10.62 -8.57 9.87
CA GLU A 194 -10.57 -9.02 8.44
C GLU A 194 -11.94 -9.54 8.01
N THR A 195 -13.01 -8.89 8.48
CA THR A 195 -14.41 -9.25 8.15
C THR A 195 -14.95 -8.27 7.11
N GLY A 196 -14.14 -7.30 6.66
CA GLY A 196 -14.50 -6.32 5.64
C GLY A 196 -14.83 -4.96 6.26
N TYR A 197 -14.40 -3.88 5.62
CA TYR A 197 -14.53 -2.50 6.15
C TYR A 197 -14.81 -1.51 5.02
N GLY A 198 -15.33 -0.35 5.40
CA GLY A 198 -15.67 0.75 4.48
C GLY A 198 -15.28 2.09 5.06
N LEU A 199 -16.11 3.10 4.84
CA LEU A 199 -15.81 4.52 5.10
C LEU A 199 -15.59 4.75 6.61
N LYS A 200 -16.28 3.98 7.46
CA LYS A 200 -16.41 4.30 8.92
C LYS A 200 -15.14 3.97 9.71
N VAL A 201 -14.12 3.36 9.09
CA VAL A 201 -12.78 3.19 9.74
C VAL A 201 -12.22 4.60 10.05
N ASP A 202 -12.57 5.60 9.23
CA ASP A 202 -12.12 7.01 9.39
C ASP A 202 -12.73 7.61 10.67
N ILE A 203 -13.99 7.27 10.98
CA ILE A 203 -14.73 7.76 12.18
C ILE A 203 -14.01 7.23 13.42
N TRP A 204 -13.67 5.94 13.43
CA TRP A 204 -12.93 5.27 14.51
C TRP A 204 -11.64 6.05 14.78
N ALA A 205 -10.81 6.22 13.76
CA ALA A 205 -9.53 6.98 13.84
C ALA A 205 -9.77 8.35 14.51
N ALA A 206 -10.82 9.06 14.09
CA ALA A 206 -11.18 10.42 14.57
C ALA A 206 -11.52 10.35 16.06
N GLY A 207 -12.28 9.33 16.46
CA GLY A 207 -12.63 9.04 17.86
C GLY A 207 -11.39 8.88 18.71
N VAL A 208 -10.41 8.11 18.24
CA VAL A 208 -9.12 7.86 18.95
C VAL A 208 -8.39 9.20 19.13
N ILE A 209 -8.32 10.01 18.08
CA ILE A 209 -7.62 11.33 18.09
C ILE A 209 -8.31 12.26 19.12
N THR A 210 -9.65 12.32 19.09
CA THR A 210 -10.47 13.16 20.00
C THR A 210 -10.17 12.77 21.46
N TYR A 211 -10.17 11.47 21.75
CA TYR A 211 -9.82 10.88 23.08
C TYR A 211 -8.43 11.37 23.52
N ILE A 212 -7.46 11.32 22.62
CA ILE A 212 -6.05 11.73 22.90
C ILE A 212 -6.01 13.23 23.19
N LEU A 213 -6.76 14.04 22.44
CA LEU A 213 -6.78 15.52 22.58
C LEU A 213 -7.20 15.90 24.01
N LEU A 214 -8.14 15.16 24.61
CA LEU A 214 -8.82 15.55 25.88
C LEU A 214 -8.02 15.10 27.11
N CYS A 215 -7.25 13.99 27.01
CA CYS A 215 -6.56 13.37 28.18
C CYS A 215 -5.05 13.19 27.93
N GLY A 216 -4.61 13.14 26.66
CA GLY A 216 -3.17 13.12 26.29
C GLY A 216 -2.63 11.72 26.08
N PHE A 217 -3.47 10.69 26.17
CA PHE A 217 -3.08 9.27 25.93
C PHE A 217 -4.21 8.55 25.20
N PRO A 218 -3.89 7.52 24.37
CA PRO A 218 -4.91 6.81 23.60
C PRO A 218 -5.80 5.91 24.45
N PRO A 219 -7.01 5.56 23.95
CA PRO A 219 -7.94 4.71 24.69
C PRO A 219 -7.53 3.24 24.74
N PHE A 220 -6.81 2.77 23.71
CA PHE A 220 -6.29 1.40 23.58
C PHE A 220 -4.77 1.45 23.47
N ARG A 221 -4.07 1.04 24.53
CA ARG A 221 -2.60 1.10 24.63
C ARG A 221 -2.07 -0.33 24.66
N GLY A 222 -1.02 -0.60 23.88
CA GLY A 222 -0.34 -1.91 23.85
C GLY A 222 0.37 -2.17 25.16
N SER A 223 1.05 -3.31 25.27
CA SER A 223 1.87 -3.68 26.45
C SER A 223 3.26 -4.15 26.00
N GLY A 224 4.21 -4.18 26.93
CA GLY A 224 5.60 -4.66 26.71
C GLY A 224 5.66 -6.17 26.55
N ASP A 225 4.57 -6.89 26.89
CA ASP A 225 4.43 -8.36 26.74
C ASP A 225 4.43 -8.73 25.26
N ASP A 226 3.50 -8.15 24.48
CA ASP A 226 3.30 -8.46 23.03
C ASP A 226 2.45 -7.37 22.39
N GLN A 227 2.34 -7.38 21.06
CA GLN A 227 1.51 -6.41 20.26
C GLN A 227 0.09 -6.95 20.10
N GLU A 228 -0.14 -8.25 20.38
CA GLU A 228 -1.48 -8.90 20.29
C GLU A 228 -2.43 -8.25 21.33
N VAL A 229 -1.86 -7.65 22.39
CA VAL A 229 -2.62 -7.02 23.51
C VAL A 229 -3.40 -5.82 22.95
N LEU A 230 -2.70 -4.88 22.29
CA LEU A 230 -3.31 -3.68 21.67
C LEU A 230 -4.48 -4.10 20.76
N PHE A 231 -4.26 -5.10 19.91
CA PHE A 231 -5.25 -5.59 18.92
C PHE A 231 -6.44 -6.23 19.66
N ASP A 232 -6.19 -6.88 20.80
CA ASP A 232 -7.23 -7.55 21.64
C ASP A 232 -8.12 -6.48 22.28
N GLN A 233 -7.53 -5.37 22.74
CA GLN A 233 -8.26 -4.19 23.31
C GLN A 233 -9.17 -3.59 22.23
N ILE A 234 -8.63 -3.35 21.03
CA ILE A 234 -9.36 -2.70 19.90
C ILE A 234 -10.55 -3.58 19.52
N LEU A 235 -10.35 -4.88 19.37
CA LEU A 235 -11.40 -5.88 18.99
C LEU A 235 -12.50 -5.88 20.06
N MET A 236 -12.10 -5.86 21.35
CA MET A 236 -13.04 -5.76 22.52
C MET A 236 -13.73 -4.40 22.48
N GLY A 237 -12.95 -3.33 22.31
CA GLY A 237 -13.43 -1.96 22.06
C GLY A 237 -14.18 -1.39 23.24
N GLN A 238 -13.80 -1.75 24.48
CA GLN A 238 -14.35 -1.11 25.71
C GLN A 238 -13.57 0.17 25.95
N VAL A 239 -14.16 1.32 25.63
CA VAL A 239 -13.57 2.67 25.89
C VAL A 239 -13.77 2.97 27.37
N ASP A 240 -12.67 3.25 28.08
CA ASP A 240 -12.67 3.68 29.48
C ASP A 240 -12.31 5.17 29.54
N PHE A 241 -12.88 5.90 30.50
CA PHE A 241 -12.58 7.32 30.79
C PHE A 241 -12.07 7.42 32.22
N PRO A 242 -10.82 6.97 32.50
CA PRO A 242 -10.36 6.80 33.88
C PRO A 242 -10.17 8.11 34.66
N SER A 243 -10.41 8.08 35.97
CA SER A 243 -10.05 9.13 36.95
C SER A 243 -8.55 9.10 37.19
N PRO A 244 -7.89 10.24 37.50
CA PRO A 244 -8.54 11.55 37.58
C PRO A 244 -8.68 12.25 36.22
N TYR A 245 -8.04 11.69 35.19
CA TYR A 245 -7.77 12.32 33.88
C TYR A 245 -9.07 12.86 33.27
N TRP A 246 -10.17 12.11 33.40
CA TRP A 246 -11.45 12.37 32.69
C TRP A 246 -12.52 12.94 33.64
N ASP A 247 -12.18 13.18 34.92
CA ASP A 247 -13.11 13.68 35.97
C ASP A 247 -13.73 15.01 35.53
N ASN A 248 -12.92 15.92 34.99
CA ASN A 248 -13.30 17.31 34.69
C ASN A 248 -13.69 17.47 33.21
N VAL A 249 -13.93 16.35 32.49
CA VAL A 249 -14.47 16.35 31.09
C VAL A 249 -15.98 16.10 31.16
N SER A 250 -16.76 16.75 30.29
CA SER A 250 -18.24 16.66 30.25
C SER A 250 -18.66 15.24 29.85
N ASP A 251 -19.85 14.83 30.26
CA ASP A 251 -20.50 13.57 29.82
C ASP A 251 -20.73 13.61 28.30
N SER A 252 -21.12 14.78 27.77
CA SER A 252 -21.44 14.98 26.34
C SER A 252 -20.28 14.46 25.48
N ALA A 253 -19.05 14.90 25.80
CA ALA A 253 -17.79 14.51 25.13
C ALA A 253 -17.62 12.99 25.18
N LYS A 254 -17.76 12.42 26.37
CA LYS A 254 -17.63 10.96 26.64
C LYS A 254 -18.67 10.19 25.82
N GLU A 255 -19.90 10.69 25.77
CA GLU A 255 -20.99 10.11 24.94
C GLU A 255 -20.54 10.07 23.46
N LEU A 256 -20.09 11.21 22.92
CA LEU A 256 -19.74 11.35 21.48
C LEU A 256 -18.63 10.37 21.14
N ILE A 257 -17.54 10.38 21.92
CA ILE A 257 -16.34 9.51 21.72
C ILE A 257 -16.78 8.04 21.71
N THR A 258 -17.67 7.67 22.63
CA THR A 258 -18.26 6.30 22.72
C THR A 258 -18.93 5.95 21.39
N MET A 259 -19.74 6.85 20.83
CA MET A 259 -20.54 6.61 19.60
C MET A 259 -19.62 6.49 18.37
N MET A 260 -18.42 7.08 18.44
CA MET A 260 -17.42 7.04 17.35
C MET A 260 -16.55 5.78 17.47
N LEU A 261 -16.42 5.22 18.67
CA LEU A 261 -15.53 4.07 18.95
C LEU A 261 -16.37 2.83 19.29
N LEU A 262 -17.45 2.59 18.54
CA LEU A 262 -18.28 1.36 18.65
C LEU A 262 -17.80 0.31 17.64
N VAL A 263 -17.67 -0.95 18.08
CA VAL A 263 -17.27 -2.11 17.24
C VAL A 263 -18.38 -2.40 16.24
N ASP A 264 -19.64 -2.25 16.65
CA ASP A 264 -20.81 -2.38 15.76
C ASP A 264 -20.80 -1.21 14.76
N VAL A 265 -20.48 -1.50 13.49
CA VAL A 265 -20.20 -0.49 12.44
C VAL A 265 -21.51 0.23 12.05
N ASP A 266 -22.66 -0.44 12.13
CA ASP A 266 -23.99 0.15 11.80
C ASP A 266 -24.40 1.14 12.90
N GLN A 267 -24.00 0.90 14.16
CA GLN A 267 -24.30 1.77 15.33
C GLN A 267 -23.27 2.90 15.41
N ARG A 268 -22.04 2.68 14.95
CA ARG A 268 -20.99 3.73 14.98
C ARG A 268 -21.49 4.93 14.17
N PHE A 269 -21.39 6.13 14.74
CA PHE A 269 -21.74 7.42 14.10
C PHE A 269 -21.07 7.50 12.72
N SER A 270 -21.80 8.02 11.73
CA SER A 270 -21.24 8.58 10.47
C SER A 270 -20.64 9.95 10.78
N ALA A 271 -19.94 10.55 9.81
CA ALA A 271 -19.40 11.93 9.93
C ALA A 271 -20.56 12.93 10.13
N VAL A 272 -21.69 12.73 9.45
CA VAL A 272 -22.89 13.62 9.56
C VAL A 272 -23.36 13.62 11.02
N GLN A 273 -23.42 12.44 11.65
CA GLN A 273 -23.94 12.26 13.03
C GLN A 273 -22.98 12.88 14.03
N VAL A 274 -21.67 12.75 13.81
CA VAL A 274 -20.64 13.42 14.64
C VAL A 274 -20.91 14.92 14.62
N LEU A 275 -21.13 15.49 13.42
CA LEU A 275 -21.28 16.94 13.18
C LEU A 275 -22.61 17.44 13.77
N GLU A 276 -23.62 16.58 13.86
CA GLU A 276 -24.96 16.91 14.43
C GLU A 276 -24.95 16.79 15.95
N HIS A 277 -23.91 16.21 16.53
CA HIS A 277 -23.81 16.01 17.99
C HIS A 277 -23.61 17.36 18.69
N PRO A 278 -24.33 17.64 19.80
CA PRO A 278 -24.19 18.91 20.53
C PRO A 278 -22.76 19.34 20.87
N TRP A 279 -21.85 18.41 21.14
CA TRP A 279 -20.46 18.70 21.60
C TRP A 279 -19.63 19.38 20.48
N VAL A 280 -20.04 19.23 19.22
CA VAL A 280 -19.39 19.88 18.04
C VAL A 280 -20.32 20.99 17.50
N ASN A 281 -21.50 21.15 18.10
CA ASN A 281 -22.58 22.09 17.68
C ASN A 281 -23.07 21.67 16.29
N PRO B 16 16.81 -11.26 17.79
CA PRO B 16 16.24 -11.78 19.03
C PRO B 16 16.87 -13.10 19.47
N ALA B 17 16.86 -13.36 20.77
CA ALA B 17 17.36 -14.61 21.41
C ALA B 17 16.48 -15.78 20.95
N THR B 18 15.16 -15.66 21.16
CA THR B 18 14.13 -16.71 20.91
C THR B 18 14.32 -17.34 19.51
N ILE B 19 14.68 -16.53 18.51
CA ILE B 19 14.87 -16.95 17.09
C ILE B 19 16.29 -17.53 16.92
N THR B 20 17.30 -16.86 17.50
CA THR B 20 18.73 -17.29 17.48
C THR B 20 18.85 -18.71 18.01
N GLU B 21 18.06 -19.06 19.04
CA GLU B 21 18.05 -20.39 19.71
C GLU B 21 17.72 -21.49 18.69
N ARG B 22 16.55 -21.40 18.04
CA ARG B 22 15.99 -22.47 17.16
C ARG B 22 16.78 -22.53 15.84
N TYR B 23 17.22 -21.37 15.33
CA TYR B 23 17.63 -21.17 13.91
C TYR B 23 19.04 -20.60 13.81
N LYS B 24 19.88 -21.21 12.98
CA LYS B 24 21.18 -20.64 12.53
C LYS B 24 20.95 -19.80 11.26
N VAL B 25 20.77 -18.49 11.44
CA VAL B 25 20.50 -17.52 10.34
C VAL B 25 21.79 -17.36 9.52
N GLY B 26 21.75 -17.74 8.25
CA GLY B 26 22.87 -17.63 7.29
C GLY B 26 22.88 -16.29 6.58
N ARG B 27 23.10 -16.29 5.26
CA ARG B 27 23.32 -15.06 4.44
C ARG B 27 21.98 -14.45 4.01
N THR B 28 22.00 -13.19 3.56
CA THR B 28 20.90 -12.52 2.82
C THR B 28 20.84 -13.12 1.42
N ILE B 29 19.65 -13.54 0.98
CA ILE B 29 19.37 -14.06 -0.39
C ILE B 29 18.32 -13.19 -1.08
N GLY B 30 17.64 -12.32 -0.32
CA GLY B 30 16.64 -11.37 -0.83
C GLY B 30 16.63 -10.09 -0.01
N ASP B 31 16.75 -8.94 -0.66
CA ASP B 31 16.78 -7.60 -0.02
C ASP B 31 15.74 -6.71 -0.68
N GLY B 32 15.38 -5.60 -0.02
CA GLY B 32 14.39 -4.63 -0.50
C GLY B 32 14.10 -3.55 0.50
N ASN B 33 13.00 -2.82 0.31
CA ASN B 33 12.50 -1.77 1.22
C ASN B 33 11.78 -2.42 2.39
N PHE B 34 12.24 -2.14 3.62
CA PHE B 34 11.55 -2.48 4.90
C PHE B 34 11.55 -3.99 5.13
N ALA B 35 12.34 -4.75 4.37
CA ALA B 35 12.30 -6.24 4.36
C ALA B 35 13.63 -6.82 3.88
N VAL B 36 14.08 -7.90 4.54
CA VAL B 36 15.25 -8.74 4.13
C VAL B 36 14.87 -10.22 4.29
N VAL B 37 15.22 -11.05 3.30
CA VAL B 37 15.06 -12.54 3.33
C VAL B 37 16.45 -13.17 3.44
N LYS B 38 16.64 -14.01 4.46
CA LYS B 38 17.93 -14.68 4.77
C LYS B 38 17.72 -16.19 4.80
N GLU B 39 18.69 -16.95 4.27
CA GLU B 39 18.82 -18.41 4.51
C GLU B 39 18.98 -18.64 6.01
N CYS B 40 18.21 -19.57 6.57
CA CYS B 40 18.37 -20.06 7.96
C CYS B 40 18.26 -21.60 7.98
N VAL B 41 18.84 -22.24 8.97
CA VAL B 41 18.70 -23.71 9.19
C VAL B 41 18.15 -23.91 10.60
N GLU B 42 17.08 -24.71 10.72
CA GLU B 42 16.57 -25.19 12.02
C GLU B 42 17.60 -26.18 12.59
N ARG B 43 18.14 -25.89 13.77
CA ARG B 43 19.34 -26.56 14.33
C ARG B 43 19.00 -28.02 14.66
N SER B 44 17.84 -28.26 15.28
CA SER B 44 17.35 -29.58 15.75
C SER B 44 17.19 -30.56 14.57
N THR B 45 16.73 -30.08 13.41
CA THR B 45 16.29 -30.92 12.26
C THR B 45 17.26 -30.79 11.07
N ALA B 46 18.16 -29.79 11.11
CA ALA B 46 19.08 -29.41 10.00
C ALA B 46 18.28 -29.06 8.73
N ARG B 47 17.05 -28.58 8.90
CA ARG B 47 16.16 -28.21 7.76
C ARG B 47 16.40 -26.76 7.38
N GLU B 48 16.61 -26.51 6.09
CA GLU B 48 16.86 -25.16 5.51
C GLU B 48 15.52 -24.45 5.29
N TYR B 49 15.42 -23.20 5.76
CA TYR B 49 14.24 -22.31 5.58
C TYR B 49 14.71 -20.92 5.14
N ALA B 50 13.78 -20.11 4.61
CA ALA B 50 13.97 -18.67 4.38
C ALA B 50 13.41 -17.90 5.58
N LEU B 51 14.20 -16.97 6.13
CA LEU B 51 13.76 -16.05 7.22
C LEU B 51 13.54 -14.65 6.64
N LYS B 52 12.28 -14.22 6.57
CA LYS B 52 11.88 -12.84 6.16
C LYS B 52 11.75 -11.98 7.42
N ILE B 53 12.56 -10.93 7.51
CA ILE B 53 12.52 -9.93 8.64
C ILE B 53 11.90 -8.64 8.10
N ILE B 54 10.68 -8.33 8.54
CA ILE B 54 9.88 -7.14 8.12
C ILE B 54 9.96 -6.11 9.24
N LYS B 55 10.70 -5.01 9.02
CA LYS B 55 10.76 -3.86 9.95
C LYS B 55 9.48 -3.04 9.79
N LYS B 56 8.76 -2.79 10.90
CA LYS B 56 7.42 -2.15 10.90
C LYS B 56 7.56 -0.63 11.00
N SER B 57 8.45 -0.14 11.88
CA SER B 57 8.63 1.31 12.18
C SER B 57 9.18 2.03 10.95
N LYS B 58 10.30 1.54 10.40
CA LYS B 58 10.97 2.05 9.17
C LYS B 58 11.06 3.59 9.14
N CYS B 59 11.01 4.28 10.30
CA CYS B 59 11.00 5.78 10.37
C CYS B 59 12.07 6.32 11.33
N ARG B 60 13.08 5.53 11.70
CA ARG B 60 14.18 5.94 12.62
C ARG B 60 13.58 6.67 13.84
N GLY B 61 12.32 6.38 14.15
CA GLY B 61 11.51 7.11 15.14
C GLY B 61 10.49 6.19 15.79
N LYS B 62 9.40 6.77 16.31
CA LYS B 62 8.34 6.02 17.04
C LYS B 62 7.21 5.65 16.08
N GLU B 63 7.28 6.07 14.81
CA GLU B 63 6.23 5.82 13.79
C GLU B 63 6.07 4.30 13.65
N HIS B 64 4.82 3.84 13.50
CA HIS B 64 4.47 2.39 13.44
C HIS B 64 3.42 2.14 12.35
N MET B 65 3.54 1.03 11.63
CA MET B 65 2.63 0.62 10.53
C MET B 65 2.34 -0.88 10.64
N ILE B 66 1.20 -1.32 10.09
CA ILE B 66 0.71 -2.73 10.14
C ILE B 66 1.16 -3.46 8.86
N GLN B 67 1.21 -4.81 8.87
CA GLN B 67 1.64 -5.67 7.73
C GLN B 67 0.47 -6.52 7.21
N ASN B 68 0.22 -6.48 5.89
CA ASN B 68 -0.93 -7.12 5.19
C ASN B 68 -0.53 -8.49 4.63
N GLU B 69 0.73 -8.65 4.19
CA GLU B 69 1.26 -9.89 3.54
C GLU B 69 0.89 -11.13 4.37
N VAL B 70 0.90 -10.99 5.69
CA VAL B 70 0.87 -12.12 6.67
C VAL B 70 -0.56 -12.67 6.77
N SER B 71 -1.57 -11.80 6.75
CA SER B 71 -3.00 -12.19 6.70
C SER B 71 -3.23 -13.15 5.54
N ILE B 72 -2.64 -12.87 4.37
CA ILE B 72 -2.82 -13.66 3.11
C ILE B 72 -2.04 -14.98 3.24
N LEU B 73 -0.74 -14.92 3.56
CA LEU B 73 0.14 -16.12 3.65
C LEU B 73 -0.51 -17.19 4.54
N ARG B 74 -1.13 -16.77 5.65
CA ARG B 74 -1.85 -17.65 6.60
C ARG B 74 -2.96 -18.44 5.90
N ARG B 75 -3.55 -17.90 4.82
CA ARG B 75 -4.78 -18.44 4.18
C ARG B 75 -4.42 -19.44 3.07
N VAL B 76 -3.19 -19.41 2.56
CA VAL B 76 -2.82 -20.01 1.24
C VAL B 76 -1.83 -21.16 1.47
N LYS B 77 -2.13 -22.32 0.87
CA LYS B 77 -1.21 -23.48 0.76
C LYS B 77 -1.34 -24.04 -0.66
N HIS B 78 -0.26 -23.97 -1.43
CA HIS B 78 -0.19 -24.40 -2.85
C HIS B 78 1.27 -24.69 -3.20
N PRO B 79 1.55 -25.73 -4.02
CA PRO B 79 2.93 -26.08 -4.36
C PRO B 79 3.65 -24.97 -5.15
N ASN B 80 2.90 -24.07 -5.80
CA ASN B 80 3.42 -22.96 -6.64
C ASN B 80 3.35 -21.62 -5.88
N ILE B 81 3.02 -21.66 -4.59
CA ILE B 81 3.05 -20.48 -3.67
C ILE B 81 4.03 -20.79 -2.53
N VAL B 82 4.87 -19.81 -2.17
CA VAL B 82 5.81 -19.90 -1.02
C VAL B 82 5.00 -20.18 0.25
N LEU B 83 5.43 -21.18 1.02
CA LEU B 83 4.72 -21.67 2.24
C LEU B 83 5.26 -20.96 3.48
N LEU B 84 4.36 -20.40 4.28
CA LEU B 84 4.66 -19.82 5.63
C LEU B 84 4.71 -20.96 6.65
N ILE B 85 5.84 -21.09 7.37
CA ILE B 85 6.08 -22.18 8.37
C ILE B 85 5.67 -21.67 9.75
N GLU B 86 6.18 -20.52 10.18
CA GLU B 86 5.73 -19.85 11.44
C GLU B 86 6.09 -18.36 11.42
N GLU B 87 5.50 -17.60 12.34
CA GLU B 87 5.67 -16.12 12.49
C GLU B 87 5.99 -15.83 13.96
N MET B 88 7.04 -15.02 14.20
CA MET B 88 7.41 -14.53 15.54
C MET B 88 7.35 -12.99 15.54
N ASP B 89 6.33 -12.43 16.21
CA ASP B 89 6.05 -10.97 16.26
C ASP B 89 6.79 -10.36 17.45
N VAL B 90 8.02 -9.89 17.22
CA VAL B 90 8.85 -9.09 18.18
C VAL B 90 8.40 -7.63 18.05
N PRO B 91 8.42 -6.81 19.13
CA PRO B 91 7.92 -5.44 19.06
C PRO B 91 8.59 -4.55 17.99
N THR B 92 9.88 -4.80 17.70
CA THR B 92 10.69 -4.03 16.70
C THR B 92 10.29 -4.46 15.28
N GLU B 93 10.40 -5.76 14.98
CA GLU B 93 10.21 -6.33 13.61
C GLU B 93 9.32 -7.57 13.66
N LEU B 94 8.80 -7.98 12.50
CA LEU B 94 8.08 -9.27 12.30
C LEU B 94 9.00 -10.27 11.60
N TYR B 95 9.07 -11.50 12.12
CA TYR B 95 9.88 -12.61 11.57
C TYR B 95 8.96 -13.65 10.95
N LEU B 96 9.18 -13.99 9.68
CA LEU B 96 8.46 -15.05 8.94
C LEU B 96 9.44 -16.15 8.53
N VAL B 97 9.26 -17.35 9.07
CA VAL B 97 9.94 -18.59 8.60
C VAL B 97 9.12 -19.12 7.43
N MET B 98 9.74 -19.28 6.27
CA MET B 98 9.05 -19.73 5.04
C MET B 98 9.90 -20.77 4.33
N GLU B 99 9.24 -21.58 3.49
CA GLU B 99 9.88 -22.58 2.59
C GLU B 99 11.02 -21.90 1.85
N LEU B 100 12.18 -22.57 1.73
CA LEU B 100 13.35 -22.02 1.01
C LEU B 100 13.29 -22.48 -0.45
N VAL B 101 13.44 -21.54 -1.37
CA VAL B 101 13.60 -21.78 -2.84
C VAL B 101 14.97 -21.23 -3.23
N LYS B 102 15.88 -22.10 -3.71
CA LYS B 102 17.34 -21.79 -3.81
C LYS B 102 17.69 -21.30 -5.22
N GLY B 103 16.75 -21.33 -6.17
CA GLY B 103 17.00 -21.07 -7.59
C GLY B 103 16.95 -19.59 -7.98
N GLY B 104 16.86 -18.68 -7.00
CA GLY B 104 16.80 -17.22 -7.23
C GLY B 104 15.47 -16.80 -7.85
N ASP B 105 15.35 -15.53 -8.26
CA ASP B 105 14.08 -14.95 -8.79
C ASP B 105 14.11 -15.05 -10.33
N LEU B 106 12.93 -15.08 -10.94
CA LEU B 106 12.75 -15.25 -12.39
C LEU B 106 13.39 -14.07 -13.14
N PHE B 107 13.43 -12.88 -12.54
CA PHE B 107 14.07 -11.68 -13.13
C PHE B 107 15.54 -12.01 -13.45
N ASP B 108 16.29 -12.44 -12.43
CA ASP B 108 17.71 -12.86 -12.55
C ASP B 108 17.82 -13.95 -13.62
N ALA B 109 16.90 -14.92 -13.61
CA ALA B 109 16.87 -16.07 -14.55
C ALA B 109 16.74 -15.58 -15.99
N ILE B 110 15.86 -14.60 -16.24
CA ILE B 110 15.60 -14.02 -17.59
C ILE B 110 16.82 -13.22 -18.05
N THR B 111 17.53 -12.56 -17.12
CA THR B 111 18.72 -11.71 -17.43
C THR B 111 19.95 -12.58 -17.74
N SER B 112 19.95 -13.85 -17.31
CA SER B 112 21.05 -14.84 -17.59
C SER B 112 20.76 -15.57 -18.90
N THR B 113 19.49 -15.93 -19.14
CA THR B 113 18.99 -16.57 -20.38
C THR B 113 18.07 -15.58 -21.11
N ASN B 114 18.52 -15.03 -22.23
CA ASN B 114 17.78 -13.98 -22.99
C ASN B 114 16.32 -14.42 -23.20
N LYS B 115 16.09 -15.64 -23.69
CA LYS B 115 14.73 -16.21 -23.94
C LYS B 115 14.73 -17.73 -23.73
N TYR B 116 13.54 -18.30 -23.48
CA TYR B 116 13.29 -19.74 -23.22
C TYR B 116 12.57 -20.36 -24.42
N THR B 117 12.65 -21.68 -24.56
CA THR B 117 11.86 -22.47 -25.54
C THR B 117 10.38 -22.41 -25.16
N GLU B 118 9.48 -22.63 -26.11
CA GLU B 118 8.03 -22.69 -25.87
C GLU B 118 7.75 -23.69 -24.74
N ARG B 119 8.38 -24.87 -24.77
CA ARG B 119 8.07 -25.98 -23.82
C ARG B 119 8.37 -25.50 -22.39
N ASP B 120 9.53 -24.86 -22.16
CA ASP B 120 9.96 -24.33 -20.83
C ASP B 120 9.02 -23.20 -20.39
N ALA B 121 8.61 -22.34 -21.32
CA ALA B 121 7.73 -21.16 -21.07
C ALA B 121 6.33 -21.64 -20.64
N SER B 122 5.71 -22.54 -21.43
CA SER B 122 4.37 -23.12 -21.13
C SER B 122 4.41 -23.84 -19.79
N GLY B 123 5.52 -24.52 -19.50
CA GLY B 123 5.80 -25.11 -18.18
C GLY B 123 5.65 -24.07 -17.09
N MET B 124 6.37 -22.95 -17.21
CA MET B 124 6.41 -21.86 -16.19
C MET B 124 5.04 -21.19 -16.09
N LEU B 125 4.34 -21.01 -17.20
CA LEU B 125 2.97 -20.42 -17.20
C LEU B 125 1.99 -21.40 -16.55
N TYR B 126 2.18 -22.70 -16.75
CA TYR B 126 1.35 -23.74 -16.07
C TYR B 126 1.43 -23.53 -14.55
N ASN B 127 2.64 -23.35 -14.02
CA ASN B 127 2.90 -23.15 -12.57
C ASN B 127 2.22 -21.87 -12.10
N LEU B 128 2.38 -20.77 -12.85
CA LEU B 128 1.91 -19.42 -12.47
C LEU B 128 0.38 -19.37 -12.55
N ALA B 129 -0.20 -19.92 -13.61
CA ALA B 129 -1.67 -19.96 -13.84
C ALA B 129 -2.32 -20.85 -12.78
N SER B 130 -1.60 -21.86 -12.29
CA SER B 130 -2.06 -22.77 -11.21
C SER B 130 -2.13 -22.01 -9.89
N ALA B 131 -1.05 -21.32 -9.52
CA ALA B 131 -0.99 -20.40 -8.36
C ALA B 131 -2.17 -19.42 -8.44
N ILE B 132 -2.32 -18.73 -9.58
CA ILE B 132 -3.36 -17.70 -9.79
C ILE B 132 -4.75 -18.34 -9.62
N LYS B 133 -4.99 -19.50 -10.27
CA LYS B 133 -6.30 -20.19 -10.21
C LYS B 133 -6.67 -20.44 -8.75
N TYR B 134 -5.71 -20.95 -7.96
CA TYR B 134 -5.88 -21.22 -6.53
C TYR B 134 -6.32 -19.93 -5.80
N LEU B 135 -5.54 -18.86 -5.96
CA LEU B 135 -5.78 -17.55 -5.28
C LEU B 135 -7.17 -17.02 -5.65
N HIS B 136 -7.51 -17.07 -6.93
CA HIS B 136 -8.78 -16.55 -7.48
C HIS B 136 -9.97 -17.36 -6.93
N SER B 137 -9.78 -18.65 -6.66
CA SER B 137 -10.81 -19.54 -6.06
C SER B 137 -11.08 -19.12 -4.60
N LEU B 138 -10.14 -18.41 -3.96
CA LEU B 138 -10.29 -17.83 -2.59
C LEU B 138 -10.58 -16.32 -2.69
N ASN B 139 -10.87 -15.81 -3.89
CA ASN B 139 -11.24 -14.39 -4.16
C ASN B 139 -10.05 -13.47 -3.83
N ILE B 140 -8.82 -13.96 -3.93
CA ILE B 140 -7.57 -13.17 -3.64
C ILE B 140 -6.94 -12.73 -4.95
N VAL B 141 -6.77 -11.43 -5.13
CA VAL B 141 -5.95 -10.81 -6.21
C VAL B 141 -4.55 -10.55 -5.64
N HIS B 142 -3.50 -10.87 -6.41
CA HIS B 142 -2.09 -10.75 -5.97
C HIS B 142 -1.62 -9.29 -6.15
N ARG B 143 -1.81 -8.72 -7.34
CA ARG B 143 -1.60 -7.27 -7.70
C ARG B 143 -0.11 -6.91 -7.83
N ASP B 144 0.82 -7.86 -7.68
CA ASP B 144 2.27 -7.58 -7.89
C ASP B 144 2.94 -8.77 -8.59
N ILE B 145 2.26 -9.40 -9.54
CA ILE B 145 2.84 -10.55 -10.29
C ILE B 145 3.85 -10.01 -11.31
N LYS B 146 5.12 -10.33 -11.10
CA LYS B 146 6.27 -9.89 -11.93
C LYS B 146 7.46 -10.79 -11.64
N PRO B 147 8.43 -10.87 -12.59
CA PRO B 147 9.57 -11.80 -12.46
C PRO B 147 10.28 -11.74 -11.10
N GLU B 148 10.40 -10.54 -10.53
CA GLU B 148 11.13 -10.30 -9.25
C GLU B 148 10.42 -11.04 -8.10
N ASN B 149 9.12 -11.33 -8.26
CA ASN B 149 8.24 -11.92 -7.21
C ASN B 149 7.94 -13.38 -7.53
N LEU B 150 8.62 -13.95 -8.54
CA LEU B 150 8.50 -15.37 -8.94
C LEU B 150 9.85 -16.06 -8.68
N LEU B 151 9.83 -17.16 -7.93
CA LEU B 151 11.03 -17.90 -7.47
C LEU B 151 11.15 -19.20 -8.27
N VAL B 152 12.37 -19.55 -8.68
CA VAL B 152 12.68 -20.78 -9.48
C VAL B 152 13.02 -21.92 -8.51
N TYR B 153 12.10 -22.87 -8.35
CA TYR B 153 12.29 -24.15 -7.61
C TYR B 153 13.01 -25.14 -8.54
N GLU B 154 14.22 -25.57 -8.14
CA GLU B 154 15.06 -26.52 -8.92
C GLU B 154 14.82 -27.95 -8.40
N HIS B 155 14.19 -28.80 -9.22
CA HIS B 155 13.90 -30.23 -8.90
C HIS B 155 15.20 -31.04 -8.96
N GLN B 156 15.21 -32.24 -8.35
CA GLN B 156 16.35 -33.20 -8.37
C GLN B 156 16.62 -33.64 -9.81
N ASP B 157 15.54 -33.87 -10.58
CA ASP B 157 15.57 -34.19 -12.03
C ASP B 157 16.35 -33.10 -12.78
N GLY B 158 16.34 -31.87 -12.26
CA GLY B 158 16.90 -30.68 -12.91
C GLY B 158 15.82 -29.88 -13.64
N SER B 159 14.57 -30.37 -13.63
CA SER B 159 13.37 -29.61 -14.07
C SER B 159 13.14 -28.45 -13.11
N LYS B 160 12.37 -27.44 -13.53
CA LYS B 160 12.25 -26.17 -12.75
C LYS B 160 10.80 -25.69 -12.73
N SER B 161 10.31 -25.36 -11.53
CA SER B 161 8.96 -24.82 -11.25
C SER B 161 9.08 -23.35 -10.85
N LEU B 162 7.98 -22.61 -10.94
CA LEU B 162 7.85 -21.24 -10.39
C LEU B 162 7.08 -21.29 -9.07
N LYS B 163 7.45 -20.43 -8.12
CA LYS B 163 6.71 -20.19 -6.85
C LYS B 163 6.52 -18.68 -6.66
N LEU B 164 5.27 -18.25 -6.47
CA LEU B 164 4.88 -16.84 -6.20
C LEU B 164 5.26 -16.49 -4.74
N GLY B 165 5.97 -15.37 -4.52
CA GLY B 165 6.70 -15.10 -3.26
C GLY B 165 6.07 -14.02 -2.39
N ASP B 166 5.94 -12.79 -2.90
CA ASP B 166 5.63 -11.59 -2.07
C ASP B 166 4.13 -11.24 -2.20
N PHE B 167 3.41 -11.24 -1.08
CA PHE B 167 1.94 -10.99 -1.02
C PHE B 167 1.68 -9.64 -0.32
N GLY B 168 2.65 -8.73 -0.37
CA GLY B 168 2.59 -7.37 0.20
C GLY B 168 1.34 -6.61 -0.23
N LEU B 169 0.96 -6.69 -1.52
CA LEU B 169 -0.19 -5.91 -2.08
C LEU B 169 -1.42 -6.80 -2.27
N ALA B 170 -1.37 -8.06 -1.85
CA ALA B 170 -2.45 -9.05 -2.06
C ALA B 170 -3.63 -8.70 -1.17
N THR B 171 -4.85 -8.87 -1.65
CA THR B 171 -6.09 -8.64 -0.85
C THR B 171 -7.23 -9.55 -1.34
N ILE B 172 -8.27 -9.68 -0.52
CA ILE B 172 -9.55 -10.31 -0.90
C ILE B 172 -10.37 -9.28 -1.68
N VAL B 173 -11.03 -9.71 -2.76
CA VAL B 173 -11.84 -8.86 -3.66
C VAL B 173 -13.31 -9.17 -3.43
N ASP B 174 -14.09 -8.16 -3.04
CA ASP B 174 -15.57 -8.21 -2.96
C ASP B 174 -16.12 -6.94 -3.61
N GLY B 175 -15.94 -6.80 -4.91
CA GLY B 175 -16.37 -5.61 -5.67
C GLY B 175 -15.17 -4.87 -6.26
N PRO B 176 -15.39 -3.88 -7.17
CA PRO B 176 -14.30 -3.21 -7.85
C PRO B 176 -13.32 -2.54 -6.89
N LEU B 177 -12.03 -2.75 -7.10
CA LEU B 177 -10.91 -2.03 -6.42
C LEU B 177 -10.48 -0.86 -7.27
N TYR B 178 -9.88 0.16 -6.66
CA TYR B 178 -9.50 1.44 -7.35
C TYR B 178 -8.07 1.84 -7.02
N THR B 179 -7.47 1.28 -5.98
CA THR B 179 -6.09 1.62 -5.58
C THR B 179 -5.16 1.41 -6.79
N VAL B 180 -4.53 2.48 -7.24
CA VAL B 180 -3.52 2.42 -8.34
C VAL B 180 -2.20 1.96 -7.73
N CYS B 181 -1.77 0.74 -8.05
CA CYS B 181 -0.53 0.12 -7.53
C CYS B 181 0.00 -0.89 -8.55
N GLY B 182 1.22 -1.38 -8.34
CA GLY B 182 1.90 -2.37 -9.20
C GLY B 182 3.06 -1.74 -9.94
N THR B 183 3.64 -2.50 -10.87
CA THR B 183 4.79 -2.10 -11.72
C THR B 183 4.28 -1.78 -13.12
N PRO B 184 4.61 -0.59 -13.68
CA PRO B 184 4.05 -0.14 -14.95
C PRO B 184 4.04 -1.21 -16.05
N THR B 185 5.18 -1.87 -16.26
CA THR B 185 5.38 -2.89 -17.34
C THR B 185 4.25 -3.93 -17.29
N TYR B 186 3.79 -4.30 -16.08
CA TYR B 186 2.89 -5.47 -15.83
C TYR B 186 1.47 -5.00 -15.42
N VAL B 187 1.24 -3.69 -15.31
CA VAL B 187 -0.04 -3.15 -14.77
C VAL B 187 -1.12 -3.21 -15.86
N ALA B 188 -2.30 -3.70 -15.48
CA ALA B 188 -3.49 -3.86 -16.36
C ALA B 188 -4.07 -2.49 -16.69
N PRO B 189 -4.73 -2.34 -17.86
CA PRO B 189 -5.27 -1.04 -18.27
C PRO B 189 -6.37 -0.52 -17.32
N GLU B 190 -7.23 -1.41 -16.81
CA GLU B 190 -8.35 -1.05 -15.90
C GLU B 190 -7.79 -0.38 -14.62
N ILE B 191 -6.57 -0.73 -14.19
CA ILE B 191 -5.91 -0.12 -13.00
C ILE B 191 -5.55 1.33 -13.35
N ILE B 192 -4.91 1.54 -14.49
CA ILE B 192 -4.47 2.87 -15.02
C ILE B 192 -5.72 3.74 -15.28
N ALA B 193 -6.77 3.15 -15.85
CA ALA B 193 -8.01 3.83 -16.27
C ALA B 193 -8.84 4.25 -15.04
N GLU B 194 -8.56 3.66 -13.87
CA GLU B 194 -9.24 3.96 -12.57
C GLU B 194 -10.75 3.72 -12.69
N THR B 195 -11.16 2.68 -13.41
CA THR B 195 -12.59 2.39 -13.72
C THR B 195 -13.08 1.19 -12.90
N GLY B 196 -12.22 0.60 -12.07
CA GLY B 196 -12.53 -0.57 -11.22
C GLY B 196 -11.86 -1.82 -11.76
N TYR B 197 -11.21 -2.60 -10.90
CA TYR B 197 -10.46 -3.81 -11.29
C TYR B 197 -10.66 -4.91 -10.26
N GLY B 198 -10.39 -6.15 -10.68
CA GLY B 198 -10.55 -7.35 -9.85
C GLY B 198 -9.47 -8.37 -10.10
N LEU B 199 -9.83 -9.64 -10.04
CA LEU B 199 -8.89 -10.79 -10.07
C LEU B 199 -8.08 -10.79 -11.38
N LYS B 200 -8.71 -10.43 -12.51
CA LYS B 200 -8.13 -10.63 -13.86
C LYS B 200 -6.97 -9.66 -14.14
N VAL B 201 -6.61 -8.77 -13.21
CA VAL B 201 -5.37 -7.93 -13.35
C VAL B 201 -4.15 -8.87 -13.29
N ASP B 202 -4.29 -10.01 -12.60
CA ASP B 202 -3.23 -11.05 -12.42
C ASP B 202 -2.99 -11.78 -13.74
N ILE B 203 -4.04 -11.97 -14.54
CA ILE B 203 -3.96 -12.66 -15.87
C ILE B 203 -3.13 -11.78 -16.81
N TRP B 204 -3.39 -10.48 -16.83
CA TRP B 204 -2.66 -9.48 -17.66
C TRP B 204 -1.18 -9.56 -17.31
N ALA B 205 -0.84 -9.48 -16.03
CA ALA B 205 0.54 -9.57 -15.51
C ALA B 205 1.19 -10.86 -16.04
N ALA B 206 0.45 -11.96 -15.98
CA ALA B 206 0.91 -13.31 -16.38
C ALA B 206 1.17 -13.32 -17.89
N GLY B 207 0.31 -12.68 -18.68
CA GLY B 207 0.47 -12.49 -20.14
C GLY B 207 1.77 -11.74 -20.45
N VAL B 208 2.03 -10.64 -19.75
CA VAL B 208 3.24 -9.81 -19.96
C VAL B 208 4.47 -10.69 -19.73
N ILE B 209 4.48 -11.48 -18.64
CA ILE B 209 5.63 -12.35 -18.23
C ILE B 209 5.88 -13.41 -19.31
N THR B 210 4.82 -14.10 -19.75
CA THR B 210 4.86 -15.13 -20.82
C THR B 210 5.52 -14.54 -22.07
N TYR B 211 5.12 -13.33 -22.46
CA TYR B 211 5.62 -12.61 -23.66
C TYR B 211 7.14 -12.41 -23.52
N ILE B 212 7.57 -11.92 -22.37
CA ILE B 212 9.02 -11.68 -22.06
C ILE B 212 9.77 -13.02 -22.14
N LEU B 213 9.16 -14.10 -21.64
CA LEU B 213 9.82 -15.44 -21.56
C LEU B 213 10.18 -15.93 -22.96
N LEU B 214 9.37 -15.58 -23.97
CA LEU B 214 9.48 -16.12 -25.34
C LEU B 214 10.45 -15.27 -26.18
N CYS B 215 10.49 -13.94 -25.97
CA CYS B 215 11.23 -12.98 -26.84
C CYS B 215 12.33 -12.21 -26.08
N GLY B 216 12.20 -12.05 -24.75
CA GLY B 216 13.22 -11.42 -23.89
C GLY B 216 12.98 -9.93 -23.66
N PHE B 217 11.86 -9.39 -24.14
CA PHE B 217 11.45 -7.97 -23.94
C PHE B 217 9.94 -7.88 -23.73
N PRO B 218 9.44 -6.83 -23.03
CA PRO B 218 8.00 -6.71 -22.73
C PRO B 218 7.18 -6.25 -23.93
N PRO B 219 5.88 -6.61 -24.00
CA PRO B 219 5.04 -6.27 -25.17
C PRO B 219 4.71 -4.78 -25.25
N PHE B 220 4.66 -4.10 -24.10
CA PHE B 220 4.41 -2.65 -23.94
C PHE B 220 5.69 -1.99 -23.42
N ARG B 221 6.35 -1.20 -24.27
CA ARG B 221 7.70 -0.64 -24.04
C ARG B 221 7.61 0.88 -24.00
N GLY B 222 8.28 1.49 -23.04
CA GLY B 222 8.23 2.94 -22.78
C GLY B 222 9.31 3.67 -23.52
N SER B 223 9.09 4.96 -23.79
CA SER B 223 10.14 5.92 -24.21
C SER B 223 10.73 6.58 -22.96
N GLY B 224 12.05 6.56 -22.82
CA GLY B 224 12.78 7.31 -21.79
C GLY B 224 12.33 8.76 -21.75
N ASP B 225 11.96 9.31 -22.92
CA ASP B 225 11.47 10.70 -23.11
C ASP B 225 10.05 10.85 -22.58
N ASP B 226 9.16 9.88 -22.85
CA ASP B 226 7.71 9.94 -22.47
C ASP B 226 7.23 8.55 -22.03
N GLN B 227 6.86 8.40 -20.76
CA GLN B 227 6.33 7.15 -20.16
C GLN B 227 4.83 7.02 -20.47
N GLU B 228 4.18 8.10 -20.94
CA GLU B 228 2.75 8.07 -21.37
C GLU B 228 2.60 7.17 -22.61
N VAL B 229 3.68 7.00 -23.39
CA VAL B 229 3.71 6.08 -24.57
C VAL B 229 3.49 4.66 -24.06
N LEU B 230 4.15 4.31 -22.93
CA LEU B 230 4.01 3.01 -22.25
C LEU B 230 2.54 2.79 -21.86
N PHE B 231 1.92 3.78 -21.22
CA PHE B 231 0.57 3.68 -20.61
C PHE B 231 -0.51 3.65 -21.70
N ASP B 232 -0.32 4.43 -22.77
CA ASP B 232 -1.27 4.48 -23.92
C ASP B 232 -1.24 3.11 -24.64
N GLN B 233 -0.04 2.55 -24.84
CA GLN B 233 0.14 1.16 -25.36
C GLN B 233 -0.69 0.19 -24.50
N ILE B 234 -0.52 0.26 -23.17
CA ILE B 234 -1.23 -0.59 -22.19
C ILE B 234 -2.74 -0.37 -22.33
N LEU B 235 -3.16 0.90 -22.34
CA LEU B 235 -4.60 1.32 -22.36
C LEU B 235 -5.28 0.81 -23.63
N MET B 236 -4.56 0.77 -24.76
CA MET B 236 -5.09 0.31 -26.08
C MET B 236 -4.80 -1.18 -26.28
N GLY B 237 -3.99 -1.79 -25.42
CA GLY B 237 -3.58 -3.19 -25.55
C GLY B 237 -2.87 -3.43 -26.88
N GLN B 238 -1.89 -2.60 -27.19
CA GLN B 238 -1.14 -2.64 -28.46
C GLN B 238 -0.03 -3.69 -28.36
N VAL B 239 -0.40 -4.96 -28.52
CA VAL B 239 0.54 -6.13 -28.49
C VAL B 239 1.09 -6.34 -29.90
N ASP B 240 2.40 -6.18 -30.08
CA ASP B 240 3.13 -6.52 -31.32
C ASP B 240 3.82 -7.87 -31.11
N PHE B 241 4.04 -8.60 -32.22
CA PHE B 241 4.83 -9.84 -32.28
C PHE B 241 5.90 -9.66 -33.35
N PRO B 242 6.89 -8.79 -33.13
CA PRO B 242 7.83 -8.40 -34.18
C PRO B 242 8.82 -9.48 -34.64
N SER B 243 9.14 -9.49 -35.93
CA SER B 243 10.26 -10.24 -36.57
C SER B 243 11.58 -9.52 -36.27
N PRO B 244 12.72 -10.24 -36.21
CA PRO B 244 12.76 -11.69 -36.36
C PRO B 244 12.39 -12.43 -35.07
N TYR B 245 12.19 -11.66 -33.98
CA TYR B 245 12.12 -12.13 -32.57
C TYR B 245 11.05 -13.21 -32.40
N TRP B 246 9.89 -13.06 -33.06
CA TRP B 246 8.70 -13.93 -32.88
C TRP B 246 8.49 -14.84 -34.09
N ASP B 247 9.48 -14.91 -34.99
CA ASP B 247 9.45 -15.74 -36.23
C ASP B 247 9.26 -17.22 -35.86
N ASN B 248 10.01 -17.69 -34.86
CA ASN B 248 10.07 -19.13 -34.47
C ASN B 248 8.81 -19.51 -33.67
N VAL B 249 8.27 -18.58 -32.88
CA VAL B 249 7.17 -18.84 -31.88
C VAL B 249 5.87 -19.20 -32.61
N SER B 250 5.13 -20.19 -32.09
CA SER B 250 3.92 -20.78 -32.72
C SER B 250 2.73 -19.81 -32.61
N ASP B 251 1.74 -19.99 -33.50
CA ASP B 251 0.46 -19.23 -33.50
C ASP B 251 -0.26 -19.47 -32.18
N SER B 252 -0.09 -20.65 -31.59
CA SER B 252 -0.74 -21.08 -30.32
C SER B 252 -0.35 -20.11 -29.20
N ALA B 253 0.95 -20.00 -28.92
CA ALA B 253 1.55 -19.06 -27.93
C ALA B 253 1.01 -17.65 -28.17
N LYS B 254 1.02 -17.19 -29.42
CA LYS B 254 0.61 -15.82 -29.80
C LYS B 254 -0.88 -15.62 -29.52
N GLU B 255 -1.69 -16.65 -29.78
CA GLU B 255 -3.17 -16.61 -29.60
C GLU B 255 -3.50 -16.55 -28.10
N LEU B 256 -2.84 -17.37 -27.27
CA LEU B 256 -3.05 -17.39 -25.79
C LEU B 256 -2.68 -16.03 -25.20
N ILE B 257 -1.47 -15.55 -25.46
CA ILE B 257 -0.98 -14.22 -24.99
C ILE B 257 -2.02 -13.16 -25.36
N THR B 258 -2.53 -13.24 -26.58
CA THR B 258 -3.59 -12.34 -27.13
C THR B 258 -4.82 -12.36 -26.21
N MET B 259 -5.27 -13.54 -25.78
CA MET B 259 -6.48 -13.70 -24.93
C MET B 259 -6.17 -13.27 -23.49
N MET B 260 -4.91 -13.32 -23.08
CA MET B 260 -4.47 -12.91 -21.71
C MET B 260 -4.33 -11.39 -21.65
N LEU B 261 -3.98 -10.75 -22.77
CA LEU B 261 -3.69 -9.28 -22.84
C LEU B 261 -4.82 -8.53 -23.55
N LEU B 262 -6.08 -8.97 -23.40
CA LEU B 262 -7.29 -8.25 -23.89
C LEU B 262 -7.66 -7.13 -22.90
N VAL B 263 -7.97 -5.95 -23.41
CA VAL B 263 -8.37 -4.76 -22.61
C VAL B 263 -9.74 -5.01 -22.00
N ASP B 264 -10.67 -5.59 -22.78
CA ASP B 264 -11.99 -6.06 -22.28
C ASP B 264 -11.75 -7.14 -21.22
N VAL B 265 -12.08 -6.85 -19.96
CA VAL B 265 -11.87 -7.74 -18.78
C VAL B 265 -12.78 -8.97 -18.90
N ASP B 266 -13.98 -8.82 -19.48
CA ASP B 266 -14.98 -9.91 -19.63
C ASP B 266 -14.49 -10.94 -20.66
N GLN B 267 -13.82 -10.49 -21.72
CA GLN B 267 -13.30 -11.34 -22.83
C GLN B 267 -11.98 -11.98 -22.41
N ARG B 268 -11.15 -11.24 -21.67
CA ARG B 268 -9.82 -11.71 -21.17
C ARG B 268 -10.00 -13.06 -20.47
N PHE B 269 -9.06 -13.98 -20.70
CA PHE B 269 -9.04 -15.34 -20.11
C PHE B 269 -8.98 -15.23 -18.58
N SER B 270 -9.73 -16.11 -17.91
CA SER B 270 -9.54 -16.48 -16.49
C SER B 270 -8.29 -17.36 -16.37
N ALA B 271 -7.85 -17.65 -15.15
CA ALA B 271 -6.76 -18.62 -14.85
C ALA B 271 -7.16 -20.02 -15.40
N VAL B 272 -8.39 -20.46 -15.13
CA VAL B 272 -8.96 -21.74 -15.65
C VAL B 272 -8.78 -21.81 -17.18
N GLN B 273 -9.19 -20.77 -17.90
CA GLN B 273 -9.17 -20.73 -19.39
C GLN B 273 -7.72 -20.80 -19.89
N VAL B 274 -6.78 -20.15 -19.19
CA VAL B 274 -5.31 -20.23 -19.50
C VAL B 274 -4.89 -21.69 -19.38
N LEU B 275 -5.27 -22.36 -18.29
CA LEU B 275 -4.89 -23.76 -17.98
C LEU B 275 -5.53 -24.72 -18.99
N GLU B 276 -6.72 -24.39 -19.52
CA GLU B 276 -7.46 -25.26 -20.48
C GLU B 276 -6.97 -25.01 -21.91
N HIS B 277 -6.03 -24.06 -22.11
CA HIS B 277 -5.46 -23.74 -23.45
C HIS B 277 -4.47 -24.83 -23.84
N PRO B 278 -4.58 -25.39 -25.07
CA PRO B 278 -3.67 -26.42 -25.55
C PRO B 278 -2.18 -26.11 -25.33
N TRP B 279 -1.78 -24.84 -25.42
CA TRP B 279 -0.34 -24.42 -25.35
C TRP B 279 0.27 -24.77 -23.99
N VAL B 280 -0.51 -24.72 -22.89
CA VAL B 280 -0.02 -25.05 -21.52
C VAL B 280 -0.30 -26.53 -21.20
N ASN B 281 -1.23 -27.16 -21.92
CA ASN B 281 -1.40 -28.65 -21.96
C ASN B 281 -0.38 -29.24 -22.94
CAK RXT C . 5.81 14.27 4.44
CAH RXT C . 5.68 13.57 3.11
CAI RXT C . 5.14 12.21 3.39
CAL RXT C . 4.66 12.19 4.85
CAU RXT C . 4.73 13.65 5.33
CAV RXT C . 3.38 14.40 5.32
CAJ RXT C . 2.43 13.90 6.39
CAB RXT C . 1.19 14.68 6.41
NAA RXT C . 0.20 15.29 6.37
NAW RXT C . 3.53 15.85 5.42
CAG RXT C . 2.93 16.82 4.72
NAO RXT C . 4.39 16.39 6.35
CAF RXT C . 4.32 17.70 6.20
CAQ RXT C . 3.42 18.02 5.17
CAR RXT C . 3.05 19.38 4.75
NAM RXT C . 3.52 20.38 5.51
CAE RXT C . 3.19 21.65 5.19
NAP RXT C . 2.43 22.04 4.18
CAT RXT C . 1.95 21.04 3.43
CAS RXT C . 2.23 19.68 3.65
CAD RXT C . 1.54 18.95 2.65
CAC RXT C . 0.89 19.86 1.88
NAN RXT C . 1.13 21.14 2.34
CAK RXT D . 12.90 -9.79 -0.67
CAH RXT D . 12.01 -9.34 0.49
CAI RXT D . 10.90 -8.52 -0.12
CAL RXT D . 11.12 -8.51 -1.63
CAU RXT D . 11.98 -9.75 -1.91
CAV RXT D . 11.17 -11.02 -2.17
CAJ RXT D . 10.49 -10.94 -3.54
CAB RXT D . 9.89 -12.22 -3.93
NAA RXT D . 9.37 -13.20 -4.26
NAW RXT D . 11.97 -12.25 -2.08
CAG RXT D . 11.63 -13.43 -1.53
NAO RXT D . 13.21 -12.30 -2.62
CAF RXT D . 13.66 -13.52 -2.40
CAQ RXT D . 12.70 -14.27 -1.70
CAR RXT D . 12.83 -15.68 -1.31
NAM RXT D . 13.88 -16.34 -1.85
CAE RXT D . 14.04 -17.64 -1.53
NAP RXT D . 13.26 -18.39 -0.75
CAT RXT D . 12.22 -17.72 -0.23
CAS RXT D . 11.94 -16.36 -0.48
CAD RXT D . 10.75 -16.04 0.26
CAC RXT D . 10.37 -17.19 0.88
NAN RXT D . 11.25 -18.22 0.59
#